data_8U6X
#
_entry.id   8U6X
#
_cell.length_a   39.398
_cell.length_b   167.680
_cell.length_c   51.159
_cell.angle_alpha   90.000
_cell.angle_beta   90.000
_cell.angle_gamma   90.000
#
_symmetry.space_group_name_H-M   'P 21 21 2'
#
loop_
_entity.id
_entity.type
_entity.pdbx_description
1 polymer 'DNA ligase'
2 polymer "DNA (5'-D(*TP*TP*CP*CP*GP*AP*TP*AP*GP*TP*GP*GP*GP*GP*TP*CP*GP*CP*AP*AP*T)-3')"
3 polymer "DNA (5'-D(*AP*TP*TP*GP*CP*GP*AP*CP*CP*CP*CP*AP*CP*TP*AP*TP*CP*GP*GP*AP*A)-3')"
4 non-polymer 'ADENOSINE MONOPHOSPHATE'
5 non-polymer 'THIOCYANATE ION'
6 water water
#
loop_
_entity_poly.entity_id
_entity_poly.type
_entity_poly.pdbx_seq_one_letter_code
_entity_poly.pdbx_strand_id
1 'polypeptide(L)'
;MSYYHHHHHHLESTSLYKKAGLMADLMLAQEYKGQDIAGWAMSEKLDGVRAYWDGKHLISRQGYAFTPPKGFTAQFPPYP
LDGELYSGRGQFEQISATVRSVSSDWRGIRLHVFDVPKAQGNLYQRLAVATQWLKTHPNAPITIIPQIKVRDRRHAMDFL
KQIEAQGGEGVMLRQPESRYSGGRSSQLLKLKSQYDDECTVTRHYEGKGRNAGRLGAVGCKNRHGEFRIGSGFKDKDRDN
PPKIGTLITYRYRGFTRKGTPKFATFVRVRTDRHHHHHH
;
A
2 'polydeoxyribonucleotide'
;(DT)(DT)(DC)(DC)(DG)(DA)(DT)(DA)(DG)(DT)(DG)(DG)(DG)(DG)(DT)(DC)(DG)(DC)(DA)(DA)
(DT)
;
B
3 'polydeoxyribonucleotide'
;(DA)(DT)(DT)(DG)(DC)(DG)(DA)(DC)(DC)(DC)(DC)(DA)(DC)(DT)(DA)(DT)(DC)(DG)(DG)(DA)
(DA)
;
C
#
loop_
_chem_comp.id
_chem_comp.type
_chem_comp.name
_chem_comp.formula
AMP non-polymer 'ADENOSINE MONOPHOSPHATE' 'C10 H14 N5 O7 P'
DA DNA linking 2'-DEOXYADENOSINE-5'-MONOPHOSPHATE 'C10 H14 N5 O6 P'
DC DNA linking 2'-DEOXYCYTIDINE-5'-MONOPHOSPHATE 'C9 H14 N3 O7 P'
DG DNA linking 2'-DEOXYGUANOSINE-5'-MONOPHOSPHATE 'C10 H14 N5 O7 P'
DT DNA linking THYMIDINE-5'-MONOPHOSPHATE 'C10 H15 N2 O8 P'
SCN non-polymer 'THIOCYANATE ION' 'C N S -1'
#
# COMPACT_ATOMS: atom_id res chain seq x y z
N ALA A 24 -1.19 12.03 13.12
CA ALA A 24 0.17 12.49 13.52
C ALA A 24 1.22 11.45 13.14
N ASP A 25 1.43 10.46 14.00
CA ASP A 25 2.37 9.37 13.73
C ASP A 25 1.58 8.24 13.08
N LEU A 26 1.76 8.08 11.78
CA LEU A 26 0.93 7.18 10.98
C LEU A 26 1.55 5.79 10.92
N MET A 27 0.76 4.78 11.27
CA MET A 27 1.20 3.40 11.16
C MET A 27 1.44 3.06 9.69
N LEU A 28 2.66 2.65 9.37
CA LEU A 28 3.06 2.37 8.00
C LEU A 28 3.20 0.88 7.78
N ALA A 29 2.87 0.46 6.56
CA ALA A 29 2.85 -0.95 6.20
C ALA A 29 4.15 -1.36 5.51
N GLN A 30 4.62 -2.55 5.83
CA GLN A 30 5.72 -3.17 5.11
C GLN A 30 5.17 -3.96 3.93
N GLU A 31 6.04 -4.59 3.17
CA GLU A 31 5.64 -5.51 2.13
C GLU A 31 5.82 -6.95 2.62
N TYR A 32 4.92 -7.82 2.18
CA TYR A 32 4.96 -9.22 2.62
C TYR A 32 6.19 -9.91 2.06
N LYS A 33 6.96 -10.57 2.95
CA LYS A 33 8.18 -11.26 2.56
C LYS A 33 8.09 -12.76 2.70
N GLY A 34 7.20 -13.27 3.55
CA GLY A 34 7.09 -14.71 3.77
C GLY A 34 6.74 -15.07 5.18
N GLN A 35 6.58 -14.07 6.04
CA GLN A 35 6.19 -14.32 7.43
C GLN A 35 4.93 -15.17 7.48
N ASP A 36 4.80 -15.94 8.56
CA ASP A 36 3.59 -16.73 8.76
C ASP A 36 2.46 -15.82 9.23
N ILE A 37 1.27 -16.03 8.67
CA ILE A 37 0.15 -15.11 8.89
C ILE A 37 -1.07 -15.88 9.37
N ALA A 38 -0.86 -17.11 9.83
CA ALA A 38 -1.97 -17.90 10.37
C ALA A 38 -2.62 -17.16 11.52
N GLY A 39 -3.94 -16.97 11.43
CA GLY A 39 -4.67 -16.24 12.43
C GLY A 39 -4.73 -14.74 12.21
N TRP A 40 -4.02 -14.22 11.21
CA TRP A 40 -4.04 -12.80 10.94
C TRP A 40 -5.41 -12.40 10.38
N ALA A 41 -5.59 -11.10 10.13
CA ALA A 41 -6.82 -10.55 9.57
C ALA A 41 -6.49 -9.88 8.26
N MET A 42 -7.02 -10.41 7.16
CA MET A 42 -6.73 -9.89 5.84
C MET A 42 -7.94 -9.13 5.29
N SER A 43 -7.66 -8.23 4.34
CA SER A 43 -8.67 -7.39 3.74
C SER A 43 -8.17 -6.93 2.38
N GLU A 44 -9.08 -6.35 1.60
CA GLU A 44 -8.73 -5.86 0.27
C GLU A 44 -7.96 -4.55 0.39
N LYS A 45 -6.87 -4.44 -0.37
CA LYS A 45 -6.05 -3.23 -0.39
C LYS A 45 -6.70 -2.22 -1.34
N LEU A 46 -7.17 -1.10 -0.80
CA LEU A 46 -7.93 -0.13 -1.57
C LEU A 46 -6.99 0.93 -2.15
N ASP A 47 -7.19 1.23 -3.44
CA ASP A 47 -6.38 2.24 -4.13
C ASP A 47 -7.09 3.59 -4.00
N GLY A 48 -6.92 4.21 -2.83
CA GLY A 48 -7.47 5.50 -2.54
C GLY A 48 -6.39 6.45 -2.06
N VAL A 49 -6.79 7.33 -1.14
CA VAL A 49 -5.88 8.31 -0.55
C VAL A 49 -5.90 8.12 0.96
N ARG A 50 -4.73 7.99 1.56
CA ARG A 50 -4.64 7.82 3.00
C ARG A 50 -5.12 9.07 3.73
N ALA A 51 -5.92 8.87 4.77
CA ALA A 51 -6.42 9.98 5.58
C ALA A 51 -6.47 9.54 7.03
N TYR A 52 -5.92 10.38 7.91
CA TYR A 52 -5.98 10.18 9.35
C TYR A 52 -6.92 11.21 9.94
N TRP A 53 -8.00 10.74 10.57
CA TRP A 53 -8.93 11.61 11.25
C TRP A 53 -8.49 11.73 12.71
N ASP A 54 -8.24 12.97 13.16
CA ASP A 54 -7.78 13.22 14.52
C ASP A 54 -8.89 13.74 15.41
N GLY A 55 -10.16 13.53 15.04
CA GLY A 55 -11.27 14.07 15.79
C GLY A 55 -11.69 15.46 15.38
N LYS A 56 -11.01 16.08 14.41
CA LYS A 56 -11.36 17.43 13.97
C LYS A 56 -10.94 17.66 12.52
N HIS A 57 -9.83 17.07 12.09
CA HIS A 57 -9.31 17.27 10.75
C HIS A 57 -8.94 15.93 10.11
N LEU A 58 -8.97 15.90 8.78
CA LEU A 58 -8.48 14.77 8.00
C LEU A 58 -7.06 15.09 7.57
N ILE A 59 -6.09 14.34 8.11
CA ILE A 59 -4.67 14.61 7.91
C ILE A 59 -4.13 13.60 6.90
N SER A 60 -3.37 14.11 5.93
CA SER A 60 -2.81 13.27 4.88
C SER A 60 -1.49 12.64 5.35
N ARG A 61 -0.92 11.78 4.51
CA ARG A 61 0.36 11.15 4.83
C ARG A 61 1.48 12.19 4.91
N GLN A 62 1.41 13.23 4.10
CA GLN A 62 2.40 14.30 4.13
C GLN A 62 2.27 15.19 5.36
N GLY A 63 1.25 14.99 6.19
CA GLY A 63 1.08 15.75 7.40
C GLY A 63 0.14 16.95 7.29
N TYR A 64 -0.39 17.23 6.10
CA TYR A 64 -1.23 18.39 5.87
C TYR A 64 -2.70 17.99 5.93
N ALA A 65 -3.54 18.94 6.32
CA ALA A 65 -4.96 18.69 6.48
C ALA A 65 -5.70 18.84 5.15
N PHE A 66 -6.64 17.93 4.91
CA PHE A 66 -7.53 18.09 3.77
C PHE A 66 -8.57 19.18 4.07
N THR A 67 -9.23 19.63 3.01
CA THR A 67 -10.25 20.68 3.12
C THR A 67 -11.51 20.21 2.41
N PRO A 68 -12.25 19.28 3.03
CA PRO A 68 -13.50 18.82 2.43
C PRO A 68 -14.61 19.81 2.67
N PRO A 69 -15.72 19.69 1.94
CA PRO A 69 -16.85 20.59 2.20
C PRO A 69 -17.31 20.50 3.65
N LYS A 70 -17.72 21.64 4.19
CA LYS A 70 -18.32 21.65 5.52
C LYS A 70 -19.48 20.66 5.56
N GLY A 71 -19.56 19.89 6.63
CA GLY A 71 -20.60 18.90 6.81
C GLY A 71 -20.20 17.50 6.40
N PHE A 72 -19.08 17.33 5.70
CA PHE A 72 -18.60 15.98 5.40
C PHE A 72 -18.16 15.26 6.68
N THR A 73 -17.41 15.96 7.53
CA THR A 73 -16.90 15.39 8.77
C THR A 73 -17.77 15.73 9.98
N ALA A 74 -18.92 16.37 9.76
CA ALA A 74 -19.74 16.82 10.89
C ALA A 74 -20.24 15.64 11.73
N GLN A 75 -20.44 14.48 11.12
CA GLN A 75 -20.91 13.29 11.83
C GLN A 75 -19.80 12.28 12.06
N PHE A 76 -18.55 12.72 12.04
CA PHE A 76 -17.45 11.84 12.42
C PHE A 76 -17.33 11.81 13.94
N PRO A 77 -16.79 10.72 14.50
CA PRO A 77 -16.68 10.61 15.96
C PRO A 77 -15.67 11.61 16.50
N PRO A 78 -15.78 11.99 17.77
CA PRO A 78 -14.82 12.93 18.35
C PRO A 78 -13.45 12.33 18.62
N TYR A 79 -13.24 11.06 18.34
CA TYR A 79 -11.96 10.39 18.49
C TYR A 79 -11.35 10.07 17.12
N PRO A 80 -10.09 9.65 17.08
CA PRO A 80 -9.41 9.48 15.80
C PRO A 80 -9.83 8.22 15.06
N LEU A 81 -9.63 8.26 13.74
CA LEU A 81 -9.88 7.15 12.85
C LEU A 81 -8.82 7.13 11.76
N ASP A 82 -8.31 5.94 11.47
CA ASP A 82 -7.34 5.75 10.39
C ASP A 82 -8.00 4.94 9.28
N GLY A 83 -7.97 5.48 8.06
CA GLY A 83 -8.62 4.84 6.95
C GLY A 83 -8.15 5.41 5.63
N GLU A 84 -8.84 5.01 4.56
CA GLU A 84 -8.53 5.41 3.20
C GLU A 84 -9.75 6.08 2.58
N LEU A 85 -9.56 7.30 2.07
CA LEU A 85 -10.62 7.98 1.34
C LEU A 85 -10.82 7.26 0.01
N TYR A 86 -11.98 6.64 -0.15
CA TYR A 86 -12.17 5.65 -1.22
C TYR A 86 -13.63 5.70 -1.69
N SER A 87 -13.83 5.27 -2.93
CA SER A 87 -15.16 5.19 -3.52
C SER A 87 -15.40 3.82 -4.12
N GLY A 88 -14.64 3.50 -5.17
CA GLY A 88 -14.76 2.21 -5.82
C GLY A 88 -13.47 1.86 -6.54
N ARG A 89 -13.46 0.66 -7.13
CA ARG A 89 -12.28 0.18 -7.82
C ARG A 89 -11.96 1.06 -9.04
N GLY A 90 -10.67 1.16 -9.34
CA GLY A 90 -10.23 1.87 -10.54
C GLY A 90 -10.63 3.31 -10.59
N GLN A 91 -10.64 4.00 -9.44
CA GLN A 91 -11.08 5.39 -9.37
C GLN A 91 -10.05 6.28 -8.68
N PHE A 92 -8.79 5.83 -8.56
CA PHE A 92 -7.82 6.59 -7.79
C PHE A 92 -7.69 8.01 -8.33
N GLU A 93 -7.46 8.17 -9.63
CA GLU A 93 -7.29 9.50 -10.20
C GLU A 93 -8.47 10.40 -9.88
N GLN A 94 -9.69 9.88 -9.98
CA GLN A 94 -10.87 10.69 -9.66
C GLN A 94 -10.88 11.06 -8.18
N ILE A 95 -10.52 10.12 -7.31
CA ILE A 95 -10.48 10.41 -5.87
C ILE A 95 -9.41 11.45 -5.57
N SER A 96 -8.17 11.16 -5.99
CA SER A 96 -7.08 12.08 -5.72
C SER A 96 -7.40 13.49 -6.20
N ALA A 97 -7.96 13.61 -7.42
CA ALA A 97 -8.32 14.93 -7.93
C ALA A 97 -9.40 15.59 -7.08
N THR A 98 -10.38 14.81 -6.62
CA THR A 98 -11.47 15.38 -5.84
C THR A 98 -10.98 15.90 -4.49
N VAL A 99 -10.12 15.14 -3.81
CA VAL A 99 -9.74 15.52 -2.45
C VAL A 99 -8.68 16.61 -2.44
N ARG A 100 -7.86 16.71 -3.48
CA ARG A 100 -6.83 17.74 -3.53
C ARG A 100 -7.38 19.13 -3.82
N SER A 101 -8.66 19.25 -4.17
CA SER A 101 -9.25 20.53 -4.52
C SER A 101 -9.92 21.16 -3.31
N VAL A 102 -10.44 22.38 -3.51
CA VAL A 102 -11.19 23.09 -2.48
C VAL A 102 -12.46 23.63 -3.10
N SER A 103 -12.91 22.98 -4.19
CA SER A 103 -14.15 23.39 -4.85
C SER A 103 -14.92 22.20 -5.40
N SER A 104 -14.72 21.01 -4.86
CA SER A 104 -15.22 19.77 -5.43
C SER A 104 -16.35 19.20 -4.56
N ASP A 105 -16.95 18.14 -5.09
CA ASP A 105 -18.01 17.40 -4.42
C ASP A 105 -17.45 16.07 -3.94
N TRP A 106 -17.59 15.79 -2.65
CA TRP A 106 -17.07 14.55 -2.06
C TRP A 106 -18.11 13.45 -1.98
N ARG A 107 -19.32 13.65 -2.51
CA ARG A 107 -20.31 12.58 -2.53
C ARG A 107 -19.75 11.39 -3.29
N GLY A 108 -19.91 10.21 -2.70
CA GLY A 108 -19.32 8.99 -3.20
C GLY A 108 -18.02 8.62 -2.52
N ILE A 109 -17.30 9.60 -1.98
CA ILE A 109 -16.07 9.35 -1.25
C ILE A 109 -16.41 9.07 0.21
N ARG A 110 -15.89 7.96 0.73
CA ARG A 110 -16.05 7.60 2.13
C ARG A 110 -14.70 7.24 2.71
N LEU A 111 -14.60 7.34 4.03
CA LEU A 111 -13.39 6.95 4.74
C LEU A 111 -13.52 5.48 5.12
N HIS A 112 -12.79 4.62 4.40
CA HIS A 112 -12.81 3.19 4.66
C HIS A 112 -11.82 2.90 5.79
N VAL A 113 -12.36 2.61 6.97
CA VAL A 113 -11.56 2.55 8.20
C VAL A 113 -10.92 1.16 8.31
N PHE A 114 -9.63 1.14 8.65
CA PHE A 114 -8.93 -0.11 8.95
C PHE A 114 -8.40 -0.18 10.38
N ASP A 115 -8.60 0.86 11.19
CA ASP A 115 -8.25 0.77 12.61
C ASP A 115 -8.75 2.02 13.33
N VAL A 116 -8.99 1.85 14.64
CA VAL A 116 -9.36 2.94 15.54
C VAL A 116 -8.18 3.19 16.46
N PRO A 117 -7.27 4.11 16.12
CA PRO A 117 -5.94 4.12 16.75
C PRO A 117 -5.93 4.08 18.27
N LYS A 118 -6.80 4.83 18.93
CA LYS A 118 -6.69 5.06 20.36
C LYS A 118 -7.62 4.19 21.18
N ALA A 119 -8.31 3.24 20.56
CA ALA A 119 -9.23 2.38 21.29
C ALA A 119 -8.49 1.25 21.97
N GLN A 120 -9.19 0.58 22.89
CA GLN A 120 -8.63 -0.53 23.66
C GLN A 120 -9.06 -1.87 23.07
N GLY A 121 -8.24 -2.88 23.28
CA GLY A 121 -8.54 -4.23 22.84
C GLY A 121 -7.81 -4.58 21.55
N ASN A 122 -8.19 -5.73 21.00
CA ASN A 122 -7.63 -6.16 19.73
C ASN A 122 -8.29 -5.40 18.58
N LEU A 123 -7.76 -5.61 17.37
CA LEU A 123 -8.25 -4.92 16.20
C LEU A 123 -9.78 -5.00 16.10
N TYR A 124 -10.33 -6.20 16.29
CA TYR A 124 -11.78 -6.36 16.16
C TYR A 124 -12.53 -5.61 17.26
N GLN A 125 -11.94 -5.50 18.45
CA GLN A 125 -12.59 -4.75 19.53
C GLN A 125 -12.45 -3.25 19.33
N ARG A 126 -11.36 -2.79 18.70
CA ARG A 126 -11.21 -1.37 18.41
C ARG A 126 -12.18 -0.94 17.31
N LEU A 127 -12.25 -1.72 16.23
CA LEU A 127 -13.19 -1.41 15.15
C LEU A 127 -14.64 -1.44 15.64
N ALA A 128 -14.94 -2.26 16.65
CA ALA A 128 -16.29 -2.29 17.19
C ALA A 128 -16.72 -0.92 17.72
N VAL A 129 -15.76 -0.13 18.22
CA VAL A 129 -16.08 1.21 18.70
C VAL A 129 -16.62 2.06 17.55
N ALA A 130 -15.97 2.01 16.39
CA ALA A 130 -16.46 2.78 15.25
C ALA A 130 -17.72 2.18 14.67
N THR A 131 -17.91 0.86 14.80
CA THR A 131 -19.12 0.23 14.29
C THR A 131 -20.35 0.74 15.02
N GLN A 132 -20.26 0.92 16.34
CA GLN A 132 -21.39 1.44 17.09
C GLN A 132 -21.68 2.90 16.72
N TRP A 133 -20.65 3.66 16.35
CA TRP A 133 -20.86 5.02 15.88
C TRP A 133 -21.64 5.02 14.56
N LEU A 134 -21.31 4.11 13.65
CA LEU A 134 -22.06 4.00 12.41
C LEU A 134 -23.51 3.62 12.68
N LYS A 135 -23.73 2.77 13.67
CA LYS A 135 -25.10 2.37 14.03
C LYS A 135 -25.93 3.59 14.41
N THR A 136 -25.35 4.53 15.14
CA THR A 136 -26.06 5.73 15.59
C THR A 136 -25.79 6.94 14.70
N HIS A 137 -25.04 6.78 13.62
CA HIS A 137 -24.78 7.86 12.66
C HIS A 137 -24.76 7.28 11.26
N PRO A 138 -25.90 6.77 10.79
CA PRO A 138 -25.91 6.04 9.51
C PRO A 138 -25.64 6.89 8.28
N ASN A 139 -25.78 8.21 8.38
CA ASN A 139 -25.50 9.09 7.24
C ASN A 139 -24.07 9.60 7.22
N ALA A 140 -23.22 9.14 8.13
CA ALA A 140 -21.82 9.52 8.09
C ALA A 140 -21.13 8.81 6.93
N PRO A 141 -20.27 9.51 6.17
CA PRO A 141 -19.60 8.89 5.02
C PRO A 141 -18.40 8.04 5.43
N ILE A 142 -18.66 7.00 6.21
CA ILE A 142 -17.63 6.12 6.75
C ILE A 142 -18.02 4.67 6.45
N THR A 143 -17.00 3.83 6.28
CA THR A 143 -17.20 2.42 5.99
C THR A 143 -16.13 1.62 6.72
N ILE A 144 -16.54 0.57 7.42
CA ILE A 144 -15.62 -0.33 8.11
C ILE A 144 -15.16 -1.39 7.11
N ILE A 145 -13.85 -1.48 6.91
CA ILE A 145 -13.30 -2.44 5.95
C ILE A 145 -13.46 -3.84 6.52
N PRO A 146 -14.12 -4.77 5.82
CA PRO A 146 -14.24 -6.13 6.34
C PRO A 146 -12.87 -6.78 6.53
N GLN A 147 -12.69 -7.43 7.67
CA GLN A 147 -11.47 -8.15 8.00
C GLN A 147 -11.80 -9.63 8.13
N ILE A 148 -11.12 -10.46 7.35
CA ILE A 148 -11.39 -11.89 7.28
C ILE A 148 -10.23 -12.62 7.95
N LYS A 149 -10.54 -13.71 8.65
CA LYS A 149 -9.51 -14.48 9.34
C LYS A 149 -8.71 -15.30 8.33
N VAL A 150 -7.39 -15.25 8.46
CA VAL A 150 -6.48 -15.91 7.52
C VAL A 150 -6.10 -17.28 8.07
N ARG A 151 -6.26 -18.31 7.23
CA ARG A 151 -5.84 -19.66 7.60
C ARG A 151 -4.33 -19.83 7.46
N ASP A 152 -3.82 -19.66 6.25
CA ASP A 152 -2.41 -19.90 5.97
C ASP A 152 -2.01 -19.09 4.76
N ARG A 153 -0.73 -19.22 4.36
CA ARG A 153 -0.23 -18.48 3.21
C ARG A 153 -1.03 -18.79 1.95
N ARG A 154 -1.41 -20.06 1.77
CA ARG A 154 -2.20 -20.43 0.61
C ARG A 154 -3.53 -19.68 0.59
N HIS A 155 -4.20 -19.58 1.74
CA HIS A 155 -5.47 -18.87 1.80
C HIS A 155 -5.29 -17.41 1.37
N ALA A 156 -4.26 -16.75 1.88
CA ALA A 156 -4.00 -15.36 1.50
C ALA A 156 -3.83 -15.23 -0.01
N MET A 157 -3.01 -16.09 -0.61
CA MET A 157 -2.84 -16.06 -2.06
C MET A 157 -4.17 -16.30 -2.77
N ASP A 158 -4.99 -17.21 -2.23
CA ASP A 158 -6.30 -17.45 -2.82
C ASP A 158 -7.15 -16.19 -2.80
N PHE A 159 -7.25 -15.54 -1.62
CA PHE A 159 -8.01 -14.30 -1.52
C PHE A 159 -7.45 -13.25 -2.47
N LEU A 160 -6.13 -13.09 -2.49
CA LEU A 160 -5.52 -12.17 -3.44
C LEU A 160 -5.88 -12.54 -4.87
N LYS A 161 -5.81 -13.83 -5.19
CA LYS A 161 -6.06 -14.29 -6.55
C LYS A 161 -7.41 -13.80 -7.08
N GLN A 162 -8.46 -13.91 -6.26
CA GLN A 162 -9.79 -13.51 -6.70
C GLN A 162 -10.00 -12.01 -6.61
N ILE A 163 -9.25 -11.31 -5.75
CA ILE A 163 -9.35 -9.85 -5.69
C ILE A 163 -8.81 -9.23 -6.97
N GLU A 164 -7.62 -9.65 -7.41
CA GLU A 164 -7.10 -9.15 -8.67
C GLU A 164 -8.03 -9.46 -9.83
N ALA A 165 -8.77 -10.57 -9.75
CA ALA A 165 -9.71 -10.92 -10.81
C ALA A 165 -10.82 -9.87 -10.91
N GLN A 166 -11.36 -9.44 -9.76
CA GLN A 166 -12.40 -8.42 -9.73
C GLN A 166 -11.87 -7.03 -10.04
N GLY A 167 -10.60 -6.88 -10.38
CA GLY A 167 -10.00 -5.58 -10.61
C GLY A 167 -9.36 -4.95 -9.39
N GLY A 168 -9.34 -5.64 -8.26
CA GLY A 168 -8.70 -5.13 -7.07
C GLY A 168 -7.19 -5.02 -7.25
N GLU A 169 -6.55 -4.40 -6.26
CA GLU A 169 -5.12 -4.12 -6.33
C GLU A 169 -4.28 -5.05 -5.48
N GLY A 170 -4.80 -5.58 -4.39
CA GLY A 170 -4.02 -6.49 -3.56
C GLY A 170 -4.74 -6.80 -2.26
N VAL A 171 -3.95 -7.20 -1.27
CA VAL A 171 -4.45 -7.64 0.03
C VAL A 171 -3.63 -6.96 1.12
N MET A 172 -4.30 -6.60 2.21
CA MET A 172 -3.65 -6.09 3.41
C MET A 172 -3.75 -7.11 4.52
N LEU A 173 -2.64 -7.34 5.22
CA LEU A 173 -2.57 -8.33 6.29
C LEU A 173 -2.23 -7.63 7.59
N ARG A 174 -3.05 -7.84 8.61
CA ARG A 174 -2.91 -7.17 9.90
C ARG A 174 -2.91 -8.21 11.02
N GLN A 175 -1.94 -8.08 11.93
CA GLN A 175 -1.92 -8.89 13.13
C GLN A 175 -3.02 -8.40 14.07
N PRO A 176 -4.05 -9.21 14.35
CA PRO A 176 -5.18 -8.68 15.13
C PRO A 176 -4.80 -8.23 16.54
N GLU A 177 -4.08 -9.06 17.30
CA GLU A 177 -3.79 -8.71 18.68
C GLU A 177 -2.83 -7.54 18.80
N SER A 178 -2.11 -7.20 17.73
CA SER A 178 -1.20 -6.06 17.77
C SER A 178 -1.98 -4.77 18.03
N ARG A 179 -1.23 -3.73 18.39
CA ARG A 179 -1.79 -2.41 18.66
C ARG A 179 -1.42 -1.47 17.53
N TYR A 180 -1.95 -0.25 17.60
CA TYR A 180 -1.70 0.77 16.59
C TYR A 180 -0.49 1.60 17.00
N SER A 181 0.57 1.54 16.20
CA SER A 181 1.80 2.27 16.47
C SER A 181 2.24 3.01 15.21
N GLY A 182 2.80 4.19 15.41
CA GLY A 182 3.30 4.97 14.29
C GLY A 182 4.66 4.48 13.82
N GLY A 183 4.90 4.62 12.51
CA GLY A 183 6.11 4.16 11.89
C GLY A 183 5.94 2.79 11.25
N ARG A 184 6.95 2.42 10.47
CA ARG A 184 6.96 1.11 9.82
C ARG A 184 6.76 0.01 10.85
N SER A 185 5.96 -0.99 10.49
CA SER A 185 5.66 -2.09 11.39
C SER A 185 5.61 -3.40 10.61
N SER A 186 6.03 -4.48 11.27
CA SER A 186 5.96 -5.81 10.71
C SER A 186 4.60 -6.46 10.91
N GLN A 187 3.65 -5.77 11.53
CA GLN A 187 2.32 -6.29 11.79
C GLN A 187 1.29 -5.82 10.76
N LEU A 188 1.71 -5.04 9.77
CA LEU A 188 0.83 -4.58 8.69
C LEU A 188 1.59 -4.70 7.39
N LEU A 189 1.23 -5.68 6.57
CA LEU A 189 1.99 -6.04 5.38
C LEU A 189 1.13 -5.96 4.13
N LYS A 190 1.72 -5.44 3.06
CA LYS A 190 1.07 -5.41 1.75
C LYS A 190 1.33 -6.71 1.01
N LEU A 191 0.34 -7.17 0.26
CA LEU A 191 0.43 -8.44 -0.46
C LEU A 191 -0.15 -8.24 -1.85
N LYS A 192 0.71 -8.35 -2.87
CA LYS A 192 0.31 -8.26 -4.26
C LYS A 192 1.02 -9.35 -5.04
N SER A 193 0.52 -9.62 -6.25
CA SER A 193 1.17 -10.61 -7.10
C SER A 193 2.33 -10.00 -7.88
N GLN A 194 2.26 -8.71 -8.19
CA GLN A 194 3.31 -8.02 -8.94
C GLN A 194 3.48 -6.62 -8.37
N TYR A 195 4.58 -6.41 -7.65
CA TYR A 195 4.92 -5.08 -7.15
C TYR A 195 5.65 -4.27 -8.22
N ASP A 196 5.74 -2.96 -7.99
CA ASP A 196 6.50 -2.08 -8.87
C ASP A 196 7.06 -0.94 -8.03
N ASP A 197 8.31 -0.59 -8.28
CA ASP A 197 9.02 0.41 -7.49
C ASP A 197 10.07 1.07 -8.37
N GLU A 198 10.90 1.92 -7.75
CA GLU A 198 11.95 2.62 -8.46
C GLU A 198 13.22 2.57 -7.63
N CYS A 199 14.36 2.60 -8.31
CA CYS A 199 15.66 2.56 -7.66
C CYS A 199 16.65 3.39 -8.49
N THR A 200 17.82 3.63 -7.89
CA THR A 200 18.88 4.41 -8.52
C THR A 200 19.95 3.46 -9.03
N VAL A 201 20.23 3.51 -10.34
CA VAL A 201 21.28 2.67 -10.90
C VAL A 201 22.62 3.07 -10.29
N THR A 202 23.33 2.09 -9.77
CA THR A 202 24.62 2.31 -9.12
C THR A 202 25.81 1.78 -9.90
N ARG A 203 25.66 0.68 -10.61
CA ARG A 203 26.77 0.04 -11.28
C ARG A 203 26.29 -0.76 -12.48
N HIS A 204 27.22 -1.06 -13.37
CA HIS A 204 26.98 -1.90 -14.53
C HIS A 204 27.79 -3.18 -14.39
N TYR A 205 27.20 -4.30 -14.81
CA TYR A 205 27.84 -5.60 -14.73
C TYR A 205 27.81 -6.25 -16.11
N GLU A 206 28.99 -6.64 -16.60
CA GLU A 206 29.10 -7.25 -17.91
C GLU A 206 28.45 -8.63 -17.91
N GLY A 207 27.78 -8.96 -19.03
CA GLY A 207 27.09 -10.22 -19.15
C GLY A 207 27.96 -11.31 -19.76
N LYS A 208 27.53 -12.55 -19.58
CA LYS A 208 28.26 -13.70 -20.10
C LYS A 208 27.71 -14.11 -21.46
N GLY A 209 28.54 -14.84 -22.21
CA GLY A 209 28.09 -15.41 -23.46
C GLY A 209 27.73 -14.34 -24.47
N ARG A 210 26.53 -14.45 -25.03
CA ARG A 210 26.04 -13.54 -26.08
C ARG A 210 25.69 -12.13 -25.54
N ASN A 211 26.04 -11.85 -24.27
CA ASN A 211 25.95 -10.50 -23.71
C ASN A 211 27.31 -10.00 -23.26
N ALA A 212 28.39 -10.62 -23.71
CA ALA A 212 29.72 -10.18 -23.35
C ALA A 212 30.04 -8.83 -23.99
N GLY A 213 30.76 -8.00 -23.26
CA GLY A 213 31.05 -6.65 -23.71
C GLY A 213 29.90 -5.68 -23.59
N ARG A 214 28.80 -6.09 -22.96
CA ARG A 214 27.64 -5.23 -22.80
C ARG A 214 26.93 -5.61 -21.50
N LEU A 215 25.74 -5.07 -21.30
CA LEU A 215 25.07 -5.13 -20.01
C LEU A 215 24.49 -6.52 -19.76
N GLY A 216 24.86 -7.12 -18.63
CA GLY A 216 24.23 -8.33 -18.15
C GLY A 216 23.23 -8.02 -17.06
N ALA A 217 23.60 -7.09 -16.18
CA ALA A 217 22.74 -6.68 -15.07
C ALA A 217 23.22 -5.33 -14.56
N VAL A 218 22.30 -4.57 -13.99
CA VAL A 218 22.62 -3.28 -13.38
C VAL A 218 22.49 -3.41 -11.86
N GLY A 219 23.24 -2.59 -11.14
CA GLY A 219 23.10 -2.49 -9.71
C GLY A 219 22.15 -1.37 -9.37
N CYS A 220 21.19 -1.65 -8.49
CA CYS A 220 20.16 -0.69 -8.12
C CYS A 220 20.12 -0.54 -6.61
N LYS A 221 19.66 0.62 -6.15
CA LYS A 221 19.69 0.99 -4.75
C LYS A 221 18.43 1.75 -4.37
N ASN A 222 17.81 1.36 -3.27
CA ASN A 222 16.68 2.11 -2.73
C ASN A 222 16.51 1.75 -1.25
N ARG A 223 15.29 1.87 -0.73
CA ARG A 223 15.06 1.59 0.68
C ARG A 223 15.35 0.13 1.04
N HIS A 224 15.39 -0.76 0.05
CA HIS A 224 15.62 -2.18 0.30
C HIS A 224 17.10 -2.54 0.30
N GLY A 225 17.98 -1.61 -0.06
CA GLY A 225 19.40 -1.91 -0.14
C GLY A 225 19.88 -1.99 -1.58
N GLU A 226 20.94 -2.75 -1.83
CA GLU A 226 21.50 -2.90 -3.17
C GLU A 226 21.22 -4.30 -3.70
N PHE A 227 20.93 -4.38 -5.00
CA PHE A 227 20.55 -5.63 -5.63
C PHE A 227 20.70 -5.48 -7.13
N ARG A 228 20.69 -6.61 -7.84
CA ARG A 228 20.89 -6.65 -9.28
C ARG A 228 19.56 -6.77 -10.01
N ILE A 229 19.51 -6.21 -11.20
CA ILE A 229 18.37 -6.34 -12.12
C ILE A 229 18.94 -6.79 -13.46
N GLY A 230 18.61 -8.02 -13.86
CA GLY A 230 19.17 -8.60 -15.05
C GLY A 230 18.18 -8.86 -16.17
N SER A 231 16.88 -8.81 -15.86
CA SER A 231 15.83 -9.11 -16.82
C SER A 231 15.13 -7.85 -17.27
N GLY A 232 14.28 -7.99 -18.28
CA GLY A 232 13.51 -6.89 -18.82
C GLY A 232 14.27 -5.97 -19.75
N PHE A 233 15.54 -6.24 -20.03
CA PHE A 233 16.35 -5.40 -20.89
C PHE A 233 16.22 -5.87 -22.34
N LYS A 234 15.94 -4.94 -23.24
CA LYS A 234 16.00 -5.22 -24.66
C LYS A 234 17.46 -5.50 -25.04
N ASP A 235 17.72 -5.63 -26.33
CA ASP A 235 19.10 -5.65 -26.79
C ASP A 235 19.65 -4.25 -27.00
N LYS A 236 18.79 -3.28 -27.33
CA LYS A 236 19.22 -1.89 -27.37
C LYS A 236 19.55 -1.38 -25.97
N ASP A 237 18.74 -1.78 -24.98
CA ASP A 237 19.05 -1.40 -23.60
C ASP A 237 20.39 -1.97 -23.16
N ARG A 238 20.74 -3.17 -23.63
CA ARG A 238 21.99 -3.78 -23.22
C ARG A 238 23.19 -3.14 -23.91
N ASP A 239 22.99 -2.58 -25.11
CA ASP A 239 24.07 -1.87 -25.79
C ASP A 239 24.17 -0.42 -25.30
N ASN A 240 23.05 0.15 -24.86
CA ASN A 240 23.00 1.52 -24.34
C ASN A 240 22.25 1.48 -23.01
N PRO A 241 22.90 1.01 -21.96
CA PRO A 241 22.20 0.81 -20.68
C PRO A 241 21.89 2.14 -20.00
N PRO A 242 20.99 2.13 -19.01
CA PRO A 242 20.67 3.37 -18.30
C PRO A 242 21.86 3.87 -17.48
N LYS A 243 22.11 5.18 -17.58
CA LYS A 243 23.26 5.79 -16.92
C LYS A 243 23.24 5.53 -15.42
N ILE A 244 24.44 5.47 -14.84
CA ILE A 244 24.56 5.38 -13.39
C ILE A 244 24.05 6.67 -12.76
N GLY A 245 23.24 6.53 -11.73
CA GLY A 245 22.56 7.66 -11.13
C GLY A 245 21.16 7.91 -11.65
N THR A 246 20.75 7.21 -12.71
CA THR A 246 19.42 7.38 -13.27
C THR A 246 18.40 6.59 -12.46
N LEU A 247 17.19 7.14 -12.38
CA LEU A 247 16.08 6.50 -11.67
C LEU A 247 15.28 5.67 -12.66
N ILE A 248 15.15 4.37 -12.38
CA ILE A 248 14.46 3.45 -13.26
C ILE A 248 13.32 2.79 -12.51
N THR A 249 12.40 2.19 -13.28
CA THR A 249 11.27 1.44 -12.75
C THR A 249 11.45 -0.04 -13.04
N TYR A 250 10.95 -0.87 -12.13
CA TYR A 250 11.12 -2.32 -12.25
C TYR A 250 9.98 -3.04 -11.55
N ARG A 251 9.53 -4.14 -12.14
CA ARG A 251 8.58 -5.04 -11.50
C ARG A 251 9.32 -6.09 -10.69
N TYR A 252 8.60 -6.73 -9.78
CA TYR A 252 9.13 -7.85 -9.01
C TYR A 252 8.00 -8.50 -8.23
N ARG A 253 8.20 -9.78 -7.91
CA ARG A 253 7.20 -10.58 -7.19
C ARG A 253 7.90 -11.27 -6.02
N GLY A 254 7.54 -10.88 -4.80
CA GLY A 254 8.14 -11.47 -3.62
C GLY A 254 9.55 -10.97 -3.38
N PHE A 255 10.18 -11.53 -2.36
CA PHE A 255 11.52 -11.12 -1.95
C PHE A 255 12.40 -12.35 -1.77
N THR A 256 13.70 -12.11 -1.73
CA THR A 256 14.68 -13.15 -1.51
C THR A 256 14.98 -13.32 -0.02
N ARG A 257 15.68 -14.40 0.31
CA ARG A 257 16.12 -14.61 1.69
C ARG A 257 16.99 -13.45 2.16
N LYS A 258 17.66 -12.76 1.24
CA LYS A 258 18.47 -11.60 1.58
C LYS A 258 17.63 -10.36 1.86
N GLY A 259 16.32 -10.41 1.60
CA GLY A 259 15.48 -9.25 1.81
C GLY A 259 15.49 -8.25 0.67
N THR A 260 15.68 -8.72 -0.56
CA THR A 260 15.73 -7.86 -1.74
C THR A 260 14.71 -8.32 -2.76
N PRO A 261 14.36 -7.46 -3.72
CA PRO A 261 13.34 -7.83 -4.70
C PRO A 261 13.68 -9.13 -5.43
N LYS A 262 12.63 -9.91 -5.71
CA LYS A 262 12.73 -11.18 -6.41
C LYS A 262 12.08 -11.07 -7.77
N PHE A 263 12.69 -11.68 -8.79
CA PHE A 263 12.22 -11.58 -10.17
C PHE A 263 12.29 -10.13 -10.66
N ALA A 264 13.31 -9.40 -10.22
CA ALA A 264 13.44 -7.98 -10.53
C ALA A 264 13.59 -7.78 -12.03
N THR A 265 12.56 -7.21 -12.66
CA THR A 265 12.52 -7.03 -14.11
C THR A 265 12.52 -5.54 -14.44
N PHE A 266 13.43 -5.15 -15.32
CA PHE A 266 13.48 -3.76 -15.76
C PHE A 266 12.24 -3.42 -16.59
N VAL A 267 11.75 -2.19 -16.41
CA VAL A 267 10.56 -1.74 -17.13
C VAL A 267 10.96 -0.61 -18.08
N ARG A 268 11.11 0.60 -17.54
CA ARG A 268 11.48 1.76 -18.33
C ARG A 268 12.35 2.68 -17.47
N VAL A 269 12.83 3.75 -18.10
CA VAL A 269 13.65 4.75 -17.43
C VAL A 269 12.74 5.81 -16.82
N ARG A 270 13.12 6.30 -15.65
CA ARG A 270 12.38 7.40 -15.01
C ARG A 270 11.03 6.92 -14.47
P AMP D . -0.08 0.49 -1.65
O1P AMP D . -0.98 1.42 -2.44
O2P AMP D . 1.38 0.34 -2.03
O5' AMP D . -0.15 0.94 -0.12
C5' AMP D . -1.35 0.80 0.62
C4' AMP D . -1.57 1.96 1.56
O4' AMP D . -2.99 2.15 1.75
C3' AMP D . -0.98 1.79 2.96
O3' AMP D . -0.69 3.06 3.52
C2' AMP D . -2.14 1.13 3.71
O2' AMP D . -2.11 1.32 5.11
C1' AMP D . -3.36 1.79 3.07
N9 AMP D . -4.52 0.90 2.97
C8 AMP D . -5.38 0.84 1.93
N7 AMP D . -6.33 -0.09 2.15
C5 AMP D . -6.09 -0.66 3.35
C6 AMP D . -6.71 -1.71 4.18
N6 AMP D . -7.81 -2.36 3.77
N1 AMP D . -6.13 -1.98 5.37
C2 AMP D . -5.02 -1.34 5.80
N3 AMP D . -4.41 -0.37 5.09
C4 AMP D . -4.89 0.01 3.89
H5'1 AMP D . -2.20 0.74 -0.07
H5'2 AMP D . -1.32 -0.12 1.19
H4' AMP D . -1.12 2.87 1.11
H3' AMP D . -0.11 1.13 2.94
HO3' AMP D . -0.28 2.94 4.39
H2' AMP D . -2.15 0.06 3.47
HO2' AMP D . -1.31 0.93 5.47
H1' AMP D . -3.62 2.70 3.64
H8 AMP D . -5.32 1.47 1.05
HN61 AMP D . -8.22 -2.13 2.87
HN62 AMP D . -8.22 -3.07 4.35
H2 AMP D . -4.61 -1.62 6.77
S SCN E . -11.62 4.99 20.85
C SCN E . -10.77 6.41 21.53
N SCN E . -10.22 7.36 21.98
S SCN F . -21.02 10.92 21.65
C SCN F . -19.30 10.51 21.97
N SCN F . -18.17 10.23 22.18
S SCN G . -26.62 12.65 12.48
C SCN G . -26.61 11.22 11.40
N SCN G . -26.59 10.27 10.70
#